data_4M46
#
_entry.id   4M46
#
_cell.length_a   85.100
_cell.length_b   85.100
_cell.length_c   96.630
_cell.angle_alpha   90.00
_cell.angle_beta   90.00
_cell.angle_gamma   90.00
#
_symmetry.space_group_name_H-M   'P 41'
#
loop_
_entity.id
_entity.type
_entity.pdbx_description
1 polymer Luciferase
2 water water
#
_entity_poly.entity_id   1
_entity_poly.type   'polypeptide(L)'
_entity_poly.pdbx_seq_one_letter_code
;MGSSHHHHHHSSGLVPRGSHMASMTGGQQMGRGSMEDAKNIMHGPPPFYPLEDGTAGEQLHKAMKRYAQVPGTIAFTDAH
AEVNITYSEYFEMACRLAETMKRYGLGLQHHIAVCSENSLQFFMPVCGALFIGVGVAPTNDIYNERELYNSLSISQPTIV
FCSKRALQKILGVQKKLPIIQKIVILDSREDYMGKQSMYSFIESHLPAGFNEYDYIPDSFDRETATALIMNSSGSTGLPK
GVELTHKNICVRFSHCRDPVFGNQIIPDTAILTVIPFHHGFGMFTTLGYLTCGFRIVLMYRFEEELFLRSLQDYKIQSAL
LVPTLFSFFAKSTLVDKYDLSNLHEIASGGAPLAKEVGEAVAKRFKLPGIRQGYGLTETTSAIIITPEGDDKPGACGKVV
PFFSAKIVDLDTGKTLGVNQRGELCVKGPMIMKGYVNNPEATSALIDKDGWLHSGDIAYYDKDGHFFIVDRLKSLIKYKG
YQVPPAELESILLQHPFIFDAGVAGIPDPDAGELPAAVVVLEEGKTMTEQEVMDYVAGQVTASKRLRGGVKFVDEVPKGL
TGKIDARKIREILMMGKKSKL
;
_entity_poly.pdbx_strand_id   A
#
# COMPACT_ATOMS: atom_id res chain seq x y z
N ALA A 38 21.03 20.22 -15.87
CA ALA A 38 19.98 19.88 -16.86
C ALA A 38 20.14 18.46 -17.37
N LYS A 39 21.35 18.12 -17.79
CA LYS A 39 21.68 16.77 -18.27
C LYS A 39 21.97 15.83 -17.10
N ASN A 40 21.93 16.38 -15.88
CA ASN A 40 22.21 15.63 -14.66
C ASN A 40 20.97 15.25 -13.84
N ILE A 41 19.80 15.65 -14.33
CA ILE A 41 18.53 15.24 -13.72
C ILE A 41 17.99 14.01 -14.45
N MET A 42 17.77 12.93 -13.69
CA MET A 42 17.26 11.69 -14.26
C MET A 42 15.73 11.68 -14.25
N HIS A 43 15.14 11.43 -15.40
CA HIS A 43 13.69 11.41 -15.55
C HIS A 43 13.22 10.01 -15.93
N GLY A 44 12.07 9.61 -15.40
CA GLY A 44 11.43 8.36 -15.80
C GLY A 44 10.91 8.46 -17.22
N PRO A 45 10.82 7.32 -17.92
CA PRO A 45 10.31 7.29 -19.29
C PRO A 45 8.79 7.51 -19.32
N PRO A 46 8.22 7.74 -20.54
CA PRO A 46 6.76 7.77 -20.66
C PRO A 46 6.14 6.46 -20.15
N PRO A 47 4.95 6.53 -19.52
CA PRO A 47 4.27 5.32 -19.09
C PRO A 47 3.74 4.51 -20.28
N PHE A 48 3.83 3.19 -20.19
CA PHE A 48 3.36 2.29 -21.25
C PHE A 48 1.93 2.64 -21.66
N TYR A 49 1.07 2.84 -20.66
CA TYR A 49 -0.30 3.28 -20.87
C TYR A 49 -0.46 4.73 -20.38
N PRO A 50 -1.30 5.53 -21.07
CA PRO A 50 -1.53 6.90 -20.62
C PRO A 50 -2.20 6.93 -19.25
N LEU A 51 -1.93 7.97 -18.46
CA LEU A 51 -2.53 8.13 -17.13
C LEU A 51 -4.05 8.17 -17.23
N GLU A 52 -4.69 7.27 -16.47
CA GLU A 52 -6.15 7.12 -16.48
C GLU A 52 -6.84 8.29 -15.79
N ASP A 53 -7.97 8.73 -16.36
CA ASP A 53 -8.77 9.79 -15.78
C ASP A 53 -9.59 9.29 -14.61
N GLY A 54 -10.06 10.23 -13.78
CA GLY A 54 -10.89 9.89 -12.64
C GLY A 54 -10.11 9.74 -11.35
N THR A 55 -10.84 9.72 -10.24
CA THR A 55 -10.24 9.61 -8.91
C THR A 55 -9.69 8.20 -8.68
N ALA A 56 -9.04 7.99 -7.54
CA ALA A 56 -8.53 6.67 -7.18
C ALA A 56 -9.67 5.68 -6.97
N GLY A 57 -10.77 6.15 -6.38
CA GLY A 57 -11.97 5.36 -6.16
C GLY A 57 -12.67 4.95 -7.46
N GLU A 58 -12.81 5.90 -8.37
CA GLU A 58 -13.39 5.63 -9.69
C GLU A 58 -12.54 4.63 -10.48
N GLN A 59 -11.22 4.79 -10.37
CA GLN A 59 -10.26 3.91 -11.02
C GLN A 59 -10.30 2.50 -10.43
N LEU A 60 -10.40 2.41 -9.11
CA LEU A 60 -10.50 1.13 -8.41
C LEU A 60 -11.85 0.43 -8.67
N HIS A 61 -12.92 1.22 -8.66
CA HIS A 61 -14.28 0.72 -8.91
C HIS A 61 -14.41 0.11 -10.30
N LYS A 62 -13.84 0.79 -11.30
CA LYS A 62 -13.88 0.34 -12.69
C LYS A 62 -13.23 -1.03 -12.86
N ALA A 63 -12.04 -1.21 -12.28
CA ALA A 63 -11.31 -2.46 -12.38
C ALA A 63 -12.04 -3.59 -11.65
N MET A 64 -12.39 -3.35 -10.39
CA MET A 64 -13.07 -4.34 -9.55
C MET A 64 -14.40 -4.79 -10.13
N LYS A 65 -15.12 -3.87 -10.76
CA LYS A 65 -16.38 -4.18 -11.44
C LYS A 65 -16.18 -5.17 -12.59
N ARG A 66 -15.07 -5.03 -13.31
CA ARG A 66 -14.74 -5.92 -14.42
C ARG A 66 -14.47 -7.34 -13.91
N TYR A 67 -13.64 -7.45 -12.88
CA TYR A 67 -13.27 -8.74 -12.31
C TYR A 67 -14.41 -9.36 -11.49
N ALA A 68 -15.37 -8.52 -11.12
CA ALA A 68 -16.57 -8.98 -10.41
C ALA A 68 -17.47 -9.83 -11.31
N GLN A 69 -17.46 -9.50 -12.60
CA GLN A 69 -18.36 -10.13 -13.57
C GLN A 69 -17.83 -11.43 -14.14
N VAL A 70 -16.63 -11.82 -13.72
CA VAL A 70 -16.07 -13.12 -14.06
C VAL A 70 -16.11 -13.99 -12.79
N PRO A 71 -17.12 -14.87 -12.69
CA PRO A 71 -17.34 -15.68 -11.48
C PRO A 71 -16.13 -16.51 -11.10
N GLY A 72 -15.75 -16.47 -9.83
CA GLY A 72 -14.66 -17.29 -9.31
C GLY A 72 -13.30 -16.63 -9.30
N THR A 73 -13.23 -15.38 -9.75
CA THR A 73 -11.98 -14.63 -9.73
C THR A 73 -11.64 -14.23 -8.30
N ILE A 74 -10.59 -14.86 -7.75
CA ILE A 74 -10.23 -14.68 -6.34
C ILE A 74 -9.50 -13.37 -6.09
N ALA A 75 -10.02 -12.59 -5.15
CA ALA A 75 -9.40 -11.34 -4.73
C ALA A 75 -8.41 -11.59 -3.58
N PHE A 76 -8.89 -12.21 -2.51
CA PHE A 76 -8.07 -12.50 -1.34
C PHE A 76 -8.20 -13.96 -0.89
N THR A 77 -7.11 -14.49 -0.35
CA THR A 77 -7.10 -15.83 0.23
C THR A 77 -6.41 -15.79 1.60
N ASP A 78 -7.03 -16.39 2.60
CA ASP A 78 -6.45 -16.52 3.93
C ASP A 78 -5.70 -17.84 3.98
N ALA A 79 -4.38 -17.78 4.15
CA ALA A 79 -3.53 -18.97 4.17
C ALA A 79 -3.78 -19.85 5.40
N HIS A 80 -4.13 -19.21 6.51
CA HIS A 80 -4.45 -19.93 7.75
C HIS A 80 -5.81 -20.62 7.66
N ALA A 81 -6.82 -19.88 7.19
CA ALA A 81 -8.20 -20.37 7.16
C ALA A 81 -8.56 -21.09 5.86
N GLU A 82 -7.75 -20.88 4.82
CA GLU A 82 -7.95 -21.49 3.50
C GLU A 82 -9.16 -20.93 2.73
N VAL A 83 -9.81 -19.93 3.31
CA VAL A 83 -11.00 -19.30 2.72
C VAL A 83 -10.63 -18.36 1.58
N ASN A 84 -11.36 -18.49 0.47
CA ASN A 84 -11.20 -17.61 -0.68
C ASN A 84 -12.36 -16.62 -0.76
N ILE A 85 -12.06 -15.38 -1.13
CA ILE A 85 -13.09 -14.38 -1.40
C ILE A 85 -12.94 -13.84 -2.82
N THR A 86 -14.02 -13.94 -3.60
CA THR A 86 -13.97 -13.56 -5.01
C THR A 86 -14.11 -12.04 -5.17
N TYR A 87 -13.79 -11.54 -6.36
CA TYR A 87 -13.93 -10.12 -6.69
C TYR A 87 -15.40 -9.68 -6.69
N SER A 88 -16.31 -10.57 -7.05
CA SER A 88 -17.73 -10.28 -7.03
C SER A 88 -18.23 -10.04 -5.59
N GLU A 89 -17.72 -10.82 -4.65
CA GLU A 89 -18.02 -10.62 -3.23
C GLU A 89 -17.41 -9.30 -2.74
N TYR A 90 -16.21 -9.00 -3.22
CA TYR A 90 -15.48 -7.83 -2.77
C TYR A 90 -16.08 -6.54 -3.33
N PHE A 91 -16.39 -6.57 -4.63
CA PHE A 91 -17.03 -5.44 -5.30
C PHE A 91 -18.35 -5.09 -4.63
N GLU A 92 -19.19 -6.10 -4.39
CA GLU A 92 -20.47 -5.91 -3.71
C GLU A 92 -20.32 -5.29 -2.33
N MET A 93 -19.40 -5.84 -1.53
CA MET A 93 -19.16 -5.33 -0.18
C MET A 93 -18.59 -3.92 -0.17
N ALA A 94 -17.69 -3.63 -1.11
CA ALA A 94 -17.09 -2.30 -1.24
C ALA A 94 -18.14 -1.25 -1.61
N CYS A 95 -18.99 -1.58 -2.57
CA CYS A 95 -20.08 -0.70 -2.99
C CYS A 95 -21.12 -0.46 -1.89
N ARG A 96 -21.45 -1.53 -1.16
CA ARG A 96 -22.44 -1.46 -0.07
C ARG A 96 -21.94 -0.62 1.10
N LEU A 97 -20.67 -0.79 1.47
CA LEU A 97 -20.05 0.02 2.53
C LEU A 97 -19.94 1.48 2.12
N ALA A 98 -19.67 1.71 0.83
CA ALA A 98 -19.55 3.06 0.28
C ALA A 98 -20.86 3.84 0.43
N GLU A 99 -21.96 3.23 -0.01
CA GLU A 99 -23.28 3.84 0.09
C GLU A 99 -23.73 3.99 1.54
N THR A 100 -23.46 2.97 2.35
CA THR A 100 -23.80 2.98 3.77
C THR A 100 -23.16 4.18 4.50
N MET A 101 -21.86 4.39 4.27
CA MET A 101 -21.13 5.51 4.87
C MET A 101 -21.62 6.86 4.33
N LYS A 102 -22.06 6.87 3.08
CA LYS A 102 -22.65 8.05 2.45
C LYS A 102 -23.96 8.42 3.16
N ARG A 103 -24.82 7.43 3.36
CA ARG A 103 -26.13 7.64 4.00
C ARG A 103 -26.01 7.89 5.50
N TYR A 104 -24.92 7.37 6.09
CA TYR A 104 -24.60 7.63 7.49
C TYR A 104 -24.26 9.11 7.71
N GLY A 105 -23.64 9.72 6.71
CA GLY A 105 -23.35 11.15 6.73
C GLY A 105 -21.91 11.54 6.48
N LEU A 106 -21.12 10.61 5.93
CA LEU A 106 -19.71 10.88 5.65
C LEU A 106 -19.50 11.46 4.25
N GLY A 107 -18.56 12.39 4.15
CA GLY A 107 -18.17 12.99 2.87
C GLY A 107 -16.70 13.33 2.82
N LEU A 108 -16.36 14.34 2.02
CA LEU A 108 -14.96 14.75 1.81
C LEU A 108 -14.29 15.32 3.07
N GLN A 109 -15.11 15.80 4.00
CA GLN A 109 -14.62 16.42 5.24
CA GLN A 109 -14.62 16.42 5.23
C GLN A 109 -14.38 15.40 6.35
N HIS A 110 -14.75 14.15 6.10
CA HIS A 110 -14.63 13.09 7.10
C HIS A 110 -13.48 12.10 6.84
N HIS A 111 -13.05 11.41 7.90
CA HIS A 111 -12.06 10.34 7.79
C HIS A 111 -12.56 9.06 8.47
N ILE A 112 -12.05 7.92 8.03
CA ILE A 112 -12.25 6.66 8.74
C ILE A 112 -10.93 5.97 9.07
N ALA A 113 -10.93 5.15 10.11
CA ALA A 113 -9.77 4.39 10.50
C ALA A 113 -9.99 2.90 10.28
N VAL A 114 -8.96 2.21 9.80
CA VAL A 114 -8.98 0.75 9.70
C VAL A 114 -7.86 0.24 10.59
N CYS A 115 -8.24 -0.47 11.65
CA CYS A 115 -7.27 -0.99 12.60
C CYS A 115 -7.44 -2.49 12.76
N SER A 116 -6.63 -3.25 12.01
CA SER A 116 -6.72 -4.70 12.02
C SER A 116 -5.40 -5.35 11.59
N GLU A 117 -5.27 -6.63 11.93
CA GLU A 117 -4.23 -7.48 11.37
C GLU A 117 -4.66 -7.85 9.95
N ASN A 118 -3.69 -8.22 9.10
CA ASN A 118 -3.99 -8.62 7.73
C ASN A 118 -5.09 -9.68 7.67
N SER A 119 -6.17 -9.35 6.97
CA SER A 119 -7.33 -10.23 6.88
C SER A 119 -8.04 -10.06 5.55
N LEU A 120 -9.07 -10.89 5.33
CA LEU A 120 -9.88 -10.82 4.12
C LEU A 120 -10.73 -9.55 4.03
N GLN A 121 -11.07 -8.98 5.19
CA GLN A 121 -12.02 -7.86 5.25
C GLN A 121 -11.36 -6.49 5.35
N PHE A 122 -10.03 -6.47 5.49
CA PHE A 122 -9.27 -5.22 5.70
C PHE A 122 -9.56 -4.17 4.65
N PHE A 123 -9.59 -4.58 3.38
CA PHE A 123 -9.70 -3.64 2.27
C PHE A 123 -11.12 -3.26 1.88
N MET A 124 -12.12 -3.88 2.54
CA MET A 124 -13.51 -3.57 2.28
C MET A 124 -13.87 -2.12 2.67
N PRO A 125 -13.47 -1.66 3.87
CA PRO A 125 -13.67 -0.25 4.18
C PRO A 125 -12.76 0.67 3.36
N VAL A 126 -11.55 0.19 3.05
CA VAL A 126 -10.59 0.95 2.27
C VAL A 126 -11.15 1.30 0.88
N CYS A 127 -11.65 0.28 0.18
CA CYS A 127 -12.25 0.46 -1.14
C CYS A 127 -13.51 1.31 -1.08
N GLY A 128 -14.36 1.03 -0.08
CA GLY A 128 -15.62 1.76 0.08
C GLY A 128 -15.46 3.25 0.33
N ALA A 129 -14.47 3.61 1.14
CA ALA A 129 -14.20 5.01 1.47
C ALA A 129 -13.59 5.76 0.29
N LEU A 130 -12.75 5.06 -0.48
CA LEU A 130 -12.12 5.64 -1.66
C LEU A 130 -13.15 5.99 -2.74
N PHE A 131 -14.24 5.22 -2.77
CA PHE A 131 -15.33 5.44 -3.73
C PHE A 131 -16.05 6.77 -3.48
N ILE A 132 -16.11 7.18 -2.21
CA ILE A 132 -16.87 8.38 -1.82
C ILE A 132 -16.00 9.53 -1.30
N GLY A 133 -14.69 9.38 -1.40
CA GLY A 133 -13.76 10.45 -1.05
C GLY A 133 -13.53 10.66 0.44
N VAL A 134 -13.86 9.66 1.24
CA VAL A 134 -13.57 9.67 2.66
C VAL A 134 -12.14 9.18 2.87
N GLY A 135 -11.30 10.01 3.48
CA GLY A 135 -9.91 9.67 3.76
C GLY A 135 -9.78 8.47 4.69
N VAL A 136 -8.91 7.54 4.33
CA VAL A 136 -8.70 6.32 5.10
C VAL A 136 -7.41 6.41 5.90
N ALA A 137 -7.47 6.01 7.16
CA ALA A 137 -6.29 6.00 8.02
C ALA A 137 -5.99 4.60 8.52
N PRO A 138 -5.11 3.86 7.82
CA PRO A 138 -4.69 2.53 8.26
C PRO A 138 -3.85 2.65 9.52
N THR A 139 -4.33 2.06 10.61
CA THR A 139 -3.70 2.19 11.91
C THR A 139 -3.11 0.87 12.39
N ASN A 140 -1.81 0.90 12.74
CA ASN A 140 -1.09 -0.25 13.26
C ASN A 140 -1.83 -0.94 14.41
N ASP A 141 -2.13 -2.22 14.23
CA ASP A 141 -2.90 -3.01 15.20
C ASP A 141 -2.06 -3.50 16.38
N ILE A 142 -0.74 -3.31 16.29
CA ILE A 142 0.18 -3.74 17.33
C ILE A 142 0.59 -2.55 18.21
N TYR A 143 0.16 -1.34 17.83
CA TYR A 143 0.37 -0.13 18.62
C TYR A 143 -0.04 -0.34 20.07
N ASN A 144 0.75 0.21 20.99
CA ASN A 144 0.32 0.33 22.38
C ASN A 144 -0.70 1.47 22.51
N GLU A 145 -1.34 1.55 23.67
CA GLU A 145 -2.39 2.54 23.95
CA GLU A 145 -2.39 2.54 23.92
C GLU A 145 -1.95 3.98 23.66
N ARG A 146 -0.73 4.31 24.04
N ARG A 146 -0.72 4.32 24.06
CA ARG A 146 -0.16 5.65 23.83
CA ARG A 146 -0.17 5.65 23.83
C ARG A 146 0.03 5.97 22.35
C ARG A 146 0.02 5.97 22.35
N GLU A 147 0.59 5.02 21.61
CA GLU A 147 0.85 5.18 20.18
C GLU A 147 -0.44 5.20 19.36
N LEU A 148 -1.42 4.39 19.79
CA LEU A 148 -2.71 4.32 19.12
C LEU A 148 -3.47 5.64 19.25
N TYR A 149 -3.45 6.21 20.45
CA TYR A 149 -4.06 7.52 20.68
C TYR A 149 -3.45 8.58 19.76
N ASN A 150 -2.12 8.64 19.73
CA ASN A 150 -1.41 9.60 18.90
CA ASN A 150 -1.39 9.59 18.89
C ASN A 150 -1.78 9.50 17.42
N SER A 151 -1.86 8.27 16.91
CA SER A 151 -2.21 8.03 15.52
C SER A 151 -3.63 8.47 15.20
N LEU A 152 -4.58 8.02 16.03
CA LEU A 152 -5.99 8.36 15.86
C LEU A 152 -6.25 9.85 16.08
N SER A 153 -5.48 10.44 17.00
CA SER A 153 -5.55 11.88 17.28
C SER A 153 -5.18 12.72 16.05
N ILE A 154 -4.22 12.25 15.27
CA ILE A 154 -3.80 12.93 14.05
C ILE A 154 -4.85 12.84 12.95
N SER A 155 -5.37 11.63 12.71
CA SER A 155 -6.28 11.38 11.59
C SER A 155 -7.75 11.68 11.90
N GLN A 156 -8.08 11.85 13.19
CA GLN A 156 -9.43 12.21 13.65
C GLN A 156 -10.56 11.48 12.89
N PRO A 157 -10.66 10.14 13.06
CA PRO A 157 -11.65 9.37 12.32
C PRO A 157 -13.04 9.39 12.97
N THR A 158 -14.07 9.43 12.15
CA THR A 158 -15.46 9.40 12.63
C THR A 158 -15.89 7.97 12.90
N ILE A 159 -15.48 7.06 12.00
CA ILE A 159 -15.76 5.63 12.14
C ILE A 159 -14.44 4.85 12.16
N VAL A 160 -14.29 3.96 13.14
CA VAL A 160 -13.15 3.04 13.16
C VAL A 160 -13.63 1.63 12.83
N PHE A 161 -13.06 1.06 11.77
CA PHE A 161 -13.29 -0.32 11.41
C PHE A 161 -12.17 -1.16 12.01
N CYS A 162 -12.51 -2.03 12.95
CA CYS A 162 -11.50 -2.85 13.61
C CYS A 162 -11.89 -4.32 13.73
N SER A 163 -10.87 -5.16 13.93
CA SER A 163 -11.08 -6.59 14.19
C SER A 163 -11.38 -6.82 15.66
N LYS A 164 -11.78 -8.05 15.98
CA LYS A 164 -12.05 -8.45 17.37
C LYS A 164 -10.81 -8.26 18.25
N ARG A 165 -9.65 -8.63 17.72
CA ARG A 165 -8.37 -8.50 18.42
C ARG A 165 -8.03 -7.07 18.79
N ALA A 166 -8.45 -6.12 17.96
CA ALA A 166 -8.07 -4.71 18.13
C ALA A 166 -9.11 -3.89 18.91
N LEU A 167 -10.24 -4.49 19.23
CA LEU A 167 -11.37 -3.76 19.81
C LEU A 167 -11.12 -3.14 21.19
N GLN A 168 -10.44 -3.88 22.07
N GLN A 168 -10.45 -3.89 22.08
CA GLN A 168 -10.22 -3.43 23.45
CA GLN A 168 -10.20 -3.44 23.45
C GLN A 168 -9.43 -2.11 23.50
C GLN A 168 -9.41 -2.13 23.52
N LYS A 169 -8.42 -1.99 22.65
CA LYS A 169 -7.60 -0.77 22.58
C LYS A 169 -8.36 0.39 21.93
N ILE A 170 -9.21 0.07 20.96
CA ILE A 170 -10.02 1.08 20.26
C ILE A 170 -11.06 1.68 21.22
N LEU A 171 -11.64 0.84 22.07
CA LEU A 171 -12.61 1.29 23.07
C LEU A 171 -11.97 2.19 24.11
N GLY A 172 -10.72 1.88 24.47
CA GLY A 172 -9.95 2.69 25.41
C GLY A 172 -9.68 4.08 24.89
N VAL A 173 -9.21 4.16 23.65
CA VAL A 173 -8.88 5.43 23.02
C VAL A 173 -10.12 6.27 22.70
N GLN A 174 -11.24 5.61 22.40
CA GLN A 174 -12.51 6.31 22.12
C GLN A 174 -12.95 7.19 23.29
N LYS A 175 -12.65 6.74 24.51
CA LYS A 175 -12.95 7.48 25.74
C LYS A 175 -12.22 8.81 25.79
N LYS A 176 -11.09 8.90 25.09
CA LYS A 176 -10.25 10.09 25.06
C LYS A 176 -10.47 10.93 23.79
N LEU A 177 -11.08 10.33 22.78
CA LEU A 177 -11.34 11.01 21.50
C LEU A 177 -12.81 10.94 21.09
N PRO A 178 -13.57 12.03 21.30
CA PRO A 178 -15.00 12.08 21.03
C PRO A 178 -15.35 12.01 19.53
N ILE A 179 -14.37 12.32 18.68
CA ILE A 179 -14.56 12.29 17.22
C ILE A 179 -15.00 10.91 16.71
N ILE A 180 -14.49 9.85 17.34
CA ILE A 180 -14.90 8.48 17.03
C ILE A 180 -16.32 8.24 17.56
N GLN A 181 -17.28 8.24 16.64
CA GLN A 181 -18.70 8.12 16.98
C GLN A 181 -19.22 6.70 16.74
N LYS A 182 -18.48 5.92 15.96
CA LYS A 182 -18.94 4.61 15.51
C LYS A 182 -17.77 3.62 15.40
N ILE A 183 -17.98 2.40 15.89
CA ILE A 183 -17.03 1.31 15.74
C ILE A 183 -17.71 0.11 15.06
N VAL A 184 -17.14 -0.32 13.94
CA VAL A 184 -17.68 -1.45 13.18
C VAL A 184 -16.69 -2.62 13.21
N ILE A 185 -17.19 -3.82 13.52
CA ILE A 185 -16.37 -5.03 13.58
C ILE A 185 -16.20 -5.64 12.19
N LEU A 186 -14.96 -5.96 11.85
CA LEU A 186 -14.62 -6.48 10.52
C LEU A 186 -14.81 -8.00 10.40
N ASP A 187 -14.21 -8.75 11.30
CA ASP A 187 -14.20 -10.21 11.21
C ASP A 187 -15.30 -10.87 12.05
N SER A 188 -16.53 -10.40 11.86
CA SER A 188 -17.70 -10.98 12.52
C SER A 188 -18.92 -10.89 11.61
N ARG A 189 -19.71 -11.96 11.60
CA ARG A 189 -20.96 -11.99 10.85
C ARG A 189 -22.11 -11.37 11.65
N GLU A 190 -22.14 -11.70 12.94
N GLU A 190 -22.17 -11.69 12.93
CA GLU A 190 -23.12 -11.15 13.87
CA GLU A 190 -23.17 -11.12 13.83
C GLU A 190 -22.50 -9.97 14.61
C GLU A 190 -22.51 -10.01 14.65
N ASP A 191 -23.31 -9.28 15.42
CA ASP A 191 -22.82 -8.20 16.28
C ASP A 191 -21.86 -8.74 17.35
N TYR A 192 -20.83 -7.96 17.65
CA TYR A 192 -19.79 -8.36 18.58
C TYR A 192 -19.59 -7.32 19.68
N MET A 193 -19.77 -7.75 20.93
CA MET A 193 -19.61 -6.90 22.11
C MET A 193 -20.39 -5.59 22.02
N GLY A 194 -21.65 -5.70 21.60
CA GLY A 194 -22.53 -4.54 21.45
C GLY A 194 -22.24 -3.67 20.24
N LYS A 195 -21.23 -4.05 19.46
CA LYS A 195 -20.83 -3.29 18.28
C LYS A 195 -21.29 -3.98 16.99
N GLN A 196 -21.68 -3.16 16.02
CA GLN A 196 -22.21 -3.66 14.75
C GLN A 196 -21.14 -4.24 13.84
N SER A 197 -21.46 -5.35 13.17
CA SER A 197 -20.64 -5.90 12.11
C SER A 197 -20.91 -5.10 10.84
N MET A 198 -20.05 -5.29 9.83
CA MET A 198 -20.23 -4.61 8.55
C MET A 198 -21.64 -4.81 8.00
N TYR A 199 -22.09 -6.06 8.04
CA TYR A 199 -23.38 -6.48 7.49
C TYR A 199 -24.57 -5.84 8.20
N SER A 200 -24.46 -5.71 9.52
CA SER A 200 -25.50 -5.10 10.35
CA SER A 200 -25.51 -5.10 10.34
C SER A 200 -25.49 -3.58 10.22
N PHE A 201 -24.30 -3.02 10.02
CA PHE A 201 -24.10 -1.59 9.80
C PHE A 201 -24.68 -1.20 8.43
N ILE A 202 -24.40 -2.04 7.42
CA ILE A 202 -24.92 -1.88 6.07
C ILE A 202 -26.46 -1.94 6.02
N GLU A 203 -27.04 -2.86 6.80
CA GLU A 203 -28.49 -3.04 6.84
CA GLU A 203 -28.49 -3.04 6.83
C GLU A 203 -29.20 -1.81 7.41
N SER A 204 -28.55 -1.16 8.37
CA SER A 204 -29.11 0.02 9.04
C SER A 204 -29.29 1.25 8.12
N HIS A 205 -28.59 1.28 7.00
CA HIS A 205 -28.57 2.48 6.16
C HIS A 205 -28.90 2.27 4.68
N LEU A 206 -28.61 1.09 4.14
CA LEU A 206 -28.89 0.80 2.73
C LEU A 206 -30.38 0.78 2.38
N PRO A 207 -30.74 1.39 1.24
CA PRO A 207 -32.11 1.25 0.70
C PRO A 207 -32.44 -0.21 0.37
N ALA A 208 -33.73 -0.52 0.33
CA ALA A 208 -34.23 -1.90 0.20
C ALA A 208 -33.67 -2.69 -0.99
N GLY A 209 -33.60 -2.04 -2.16
CA GLY A 209 -33.17 -2.72 -3.38
C GLY A 209 -31.87 -2.17 -3.96
N PHE A 210 -30.84 -2.11 -3.13
CA PHE A 210 -29.53 -1.62 -3.57
C PHE A 210 -28.87 -2.59 -4.55
N ASN A 211 -28.44 -2.04 -5.68
CA ASN A 211 -27.75 -2.80 -6.71
C ASN A 211 -26.33 -2.27 -6.89
N GLU A 212 -25.35 -3.10 -6.57
CA GLU A 212 -23.94 -2.69 -6.61
C GLU A 212 -23.43 -2.40 -8.04
N TYR A 213 -24.13 -2.92 -9.03
CA TYR A 213 -23.77 -2.69 -10.43
C TYR A 213 -24.40 -1.41 -10.99
N ASP A 214 -25.34 -0.85 -10.24
CA ASP A 214 -25.92 0.47 -10.52
C ASP A 214 -25.13 1.57 -9.84
N TYR A 215 -24.37 1.20 -8.80
CA TYR A 215 -23.63 2.17 -7.99
C TYR A 215 -22.59 2.95 -8.79
N ILE A 216 -22.54 4.26 -8.53
CA ILE A 216 -21.55 5.14 -9.14
C ILE A 216 -20.75 5.84 -8.05
N PRO A 217 -19.41 5.73 -8.08
CA PRO A 217 -18.56 6.39 -7.08
C PRO A 217 -18.56 7.90 -7.26
N ASP A 218 -18.22 8.63 -6.20
CA ASP A 218 -18.20 10.09 -6.23
C ASP A 218 -17.06 10.64 -7.08
N SER A 219 -17.33 11.76 -7.73
CA SER A 219 -16.33 12.46 -8.53
C SER A 219 -15.92 13.76 -7.85
N PHE A 220 -14.61 14.00 -7.80
CA PHE A 220 -14.04 15.17 -7.11
C PHE A 220 -12.62 15.46 -7.62
N ASP A 221 -12.04 16.55 -7.13
CA ASP A 221 -10.70 16.97 -7.52
C ASP A 221 -9.64 16.06 -6.89
N ARG A 222 -9.07 15.18 -7.71
CA ARG A 222 -8.09 14.19 -7.25
C ARG A 222 -6.77 14.81 -6.79
N GLU A 223 -6.49 16.03 -7.24
CA GLU A 223 -5.27 16.74 -6.87
C GLU A 223 -5.21 17.11 -5.40
N THR A 224 -6.39 17.39 -4.81
CA THR A 224 -6.47 17.94 -3.46
C THR A 224 -7.11 17.01 -2.43
N ALA A 225 -8.04 16.17 -2.88
CA ALA A 225 -8.81 15.29 -2.00
C ALA A 225 -7.94 14.26 -1.27
N THR A 226 -8.14 14.15 0.03
CA THR A 226 -7.44 13.17 0.86
C THR A 226 -7.91 11.76 0.54
N ALA A 227 -6.97 10.90 0.19
CA ALA A 227 -7.26 9.49 -0.06
C ALA A 227 -6.88 8.65 1.17
N LEU A 228 -5.60 8.74 1.55
CA LEU A 228 -5.11 8.00 2.71
C LEU A 228 -4.24 8.83 3.64
N ILE A 229 -4.33 8.52 4.93
CA ILE A 229 -3.48 9.12 5.95
C ILE A 229 -2.65 8.01 6.59
N MET A 230 -1.36 7.98 6.25
CA MET A 230 -0.44 6.95 6.72
C MET A 230 0.42 7.48 7.85
N ASN A 231 0.94 6.57 8.66
CA ASN A 231 1.86 6.92 9.75
C ASN A 231 3.31 6.65 9.37
N SER A 232 4.14 7.68 9.47
CA SER A 232 5.54 7.60 9.06
C SER A 232 6.43 7.11 10.21
N LEU A 238 8.25 10.92 17.84
CA LEU A 238 6.79 10.95 17.73
C LEU A 238 6.34 10.94 16.26
N PRO A 239 5.67 9.86 15.83
CA PRO A 239 5.27 9.67 14.43
C PRO A 239 4.34 10.76 13.89
N LYS A 240 4.43 11.00 12.58
CA LYS A 240 3.60 11.99 11.90
C LYS A 240 2.56 11.32 11.01
N GLY A 241 1.56 12.08 10.59
CA GLY A 241 0.56 11.60 9.63
C GLY A 241 0.87 12.10 8.23
N VAL A 242 0.88 11.19 7.27
CA VAL A 242 1.18 11.51 5.88
C VAL A 242 -0.11 11.60 5.06
N GLU A 243 -0.41 12.80 4.55
CA GLU A 243 -1.58 13.03 3.72
CA GLU A 243 -1.59 13.00 3.72
C GLU A 243 -1.31 12.66 2.26
N LEU A 244 -1.95 11.60 1.78
CA LEU A 244 -1.80 11.17 0.40
C LEU A 244 -3.09 11.41 -0.39
N THR A 245 -2.96 12.07 -1.53
CA THR A 245 -4.11 12.46 -2.34
C THR A 245 -4.54 11.34 -3.27
N HIS A 246 -5.71 11.49 -3.88
CA HIS A 246 -6.18 10.57 -4.91
C HIS A 246 -5.25 10.55 -6.13
N LYS A 247 -4.71 11.73 -6.47
CA LYS A 247 -3.70 11.84 -7.53
C LYS A 247 -2.48 10.98 -7.21
N ASN A 248 -2.01 11.04 -5.96
CA ASN A 248 -0.90 10.20 -5.49
C ASN A 248 -1.11 8.72 -5.80
N ILE A 249 -2.31 8.22 -5.52
CA ILE A 249 -2.64 6.81 -5.75
C ILE A 249 -2.88 6.51 -7.22
N CYS A 250 -3.46 7.47 -7.95
CA CYS A 250 -3.67 7.34 -9.39
C CYS A 250 -2.36 7.09 -10.15
N VAL A 251 -1.29 7.77 -9.70
CA VAL A 251 0.03 7.61 -10.31
C VAL A 251 0.63 6.25 -9.95
N ARG A 252 0.40 5.79 -8.71
CA ARG A 252 0.79 4.44 -8.30
C ARG A 252 0.05 3.39 -9.12
N PHE A 253 -1.25 3.61 -9.33
CA PHE A 253 -2.07 2.72 -10.15
C PHE A 253 -1.54 2.59 -11.58
N SER A 254 -0.89 3.65 -12.05
CA SER A 254 -0.25 3.63 -13.37
C SER A 254 1.00 2.75 -13.35
N HIS A 255 1.78 2.84 -12.27
CA HIS A 255 3.03 2.09 -12.13
C HIS A 255 2.81 0.59 -11.96
N CYS A 256 1.82 0.23 -11.14
CA CYS A 256 1.59 -1.17 -10.80
C CYS A 256 1.05 -1.99 -11.98
N ARG A 257 0.34 -1.32 -12.88
CA ARG A 257 -0.18 -1.95 -14.09
C ARG A 257 0.77 -1.82 -15.28
N ASP A 258 1.90 -1.13 -15.06
CA ASP A 258 2.91 -0.93 -16.10
C ASP A 258 3.76 -2.20 -16.23
N PRO A 259 3.87 -2.74 -17.46
CA PRO A 259 4.61 -3.99 -17.70
C PRO A 259 6.11 -3.91 -17.38
N VAL A 260 6.66 -2.69 -17.41
CA VAL A 260 8.07 -2.47 -17.09
C VAL A 260 8.25 -2.17 -15.60
N PHE A 261 7.44 -1.26 -15.06
CA PHE A 261 7.62 -0.76 -13.69
C PHE A 261 6.69 -1.36 -12.65
N GLY A 262 5.90 -2.34 -13.07
CA GLY A 262 5.00 -3.06 -12.15
C GLY A 262 4.81 -4.50 -12.56
N ASN A 263 3.56 -4.95 -12.55
CA ASN A 263 3.22 -6.30 -12.97
C ASN A 263 2.26 -6.28 -14.15
N GLN A 264 2.62 -7.02 -15.20
CA GLN A 264 1.76 -7.17 -16.37
C GLN A 264 0.49 -7.95 -16.02
N ILE A 265 -0.66 -7.40 -16.40
CA ILE A 265 -1.94 -8.03 -16.11
C ILE A 265 -2.11 -9.33 -16.91
N ILE A 266 -1.79 -10.43 -16.25
CA ILE A 266 -1.96 -11.77 -16.80
C ILE A 266 -2.95 -12.50 -15.88
N PRO A 267 -3.98 -13.15 -16.45
CA PRO A 267 -4.98 -13.84 -15.64
C PRO A 267 -4.39 -15.00 -14.84
N ASP A 268 -5.12 -15.42 -13.79
CA ASP A 268 -4.70 -16.51 -12.89
CA ASP A 268 -4.70 -16.52 -12.91
C ASP A 268 -3.32 -16.26 -12.28
N THR A 269 -3.06 -15.00 -11.93
CA THR A 269 -1.80 -14.61 -11.29
C THR A 269 -2.03 -14.41 -9.79
N ALA A 270 -1.23 -15.09 -8.98
CA ALA A 270 -1.35 -15.00 -7.54
C ALA A 270 -0.09 -14.44 -6.87
N ILE A 271 -0.30 -13.63 -5.83
CA ILE A 271 0.80 -13.09 -5.04
C ILE A 271 0.62 -13.44 -3.56
N LEU A 272 1.74 -13.69 -2.89
CA LEU A 272 1.74 -13.90 -1.44
C LEU A 272 2.39 -12.72 -0.76
N THR A 273 1.67 -12.10 0.17
CA THR A 273 2.19 -10.95 0.89
C THR A 273 2.11 -11.16 2.40
N VAL A 274 3.20 -10.84 3.08
CA VAL A 274 3.26 -10.89 4.54
C VAL A 274 3.56 -9.51 5.10
N ILE A 275 3.42 -8.49 4.25
CA ILE A 275 3.60 -7.11 4.63
C ILE A 275 2.31 -6.61 5.31
N PRO A 276 2.44 -6.00 6.51
CA PRO A 276 1.28 -5.40 7.17
C PRO A 276 0.60 -4.39 6.25
N PHE A 277 -0.73 -4.45 6.15
CA PHE A 277 -1.50 -3.61 5.24
C PHE A 277 -1.52 -2.12 5.64
N HIS A 278 -1.11 -1.82 6.87
CA HIS A 278 -1.05 -0.44 7.33
C HIS A 278 0.30 0.20 6.99
N HIS A 279 1.30 -0.62 6.67
CA HIS A 279 2.56 -0.16 6.11
C HIS A 279 2.30 0.40 4.72
N GLY A 280 3.03 1.46 4.35
CA GLY A 280 2.95 2.02 3.01
C GLY A 280 3.22 0.99 1.92
N PHE A 281 4.29 0.20 2.11
CA PHE A 281 4.72 -0.82 1.16
CA PHE A 281 4.69 -0.79 1.12
C PHE A 281 3.73 -1.97 1.03
N GLY A 282 2.87 -2.12 2.03
CA GLY A 282 1.85 -3.17 2.05
C GLY A 282 0.51 -2.68 1.52
N MET A 283 0.21 -1.41 1.78
CA MET A 283 -1.04 -0.81 1.32
C MET A 283 -1.04 -0.60 -0.19
N PHE A 284 0.03 0.01 -0.72
CA PHE A 284 0.05 0.43 -2.12
C PHE A 284 0.59 -0.60 -3.10
N THR A 285 0.98 -1.77 -2.59
CA THR A 285 1.21 -2.92 -3.44
C THR A 285 -0.12 -3.67 -3.59
N THR A 286 -0.76 -3.95 -2.46
CA THR A 286 -2.02 -4.70 -2.43
C THR A 286 -3.14 -4.00 -3.20
N LEU A 287 -3.36 -2.71 -2.95
CA LEU A 287 -4.35 -1.92 -3.71
C LEU A 287 -4.13 -2.05 -5.21
N GLY A 288 -2.86 -1.95 -5.63
CA GLY A 288 -2.49 -2.13 -7.02
C GLY A 288 -2.80 -3.50 -7.57
N TYR A 289 -2.65 -4.53 -6.72
CA TYR A 289 -2.95 -5.90 -7.12
C TYR A 289 -4.44 -6.13 -7.36
N LEU A 290 -5.27 -5.37 -6.64
CA LEU A 290 -6.72 -5.40 -6.83
C LEU A 290 -7.12 -4.82 -8.19
N THR A 291 -6.40 -3.80 -8.65
CA THR A 291 -6.64 -3.20 -9.95
C THR A 291 -6.18 -4.12 -11.09
N CYS A 292 -5.25 -5.01 -10.78
CA CYS A 292 -4.75 -5.99 -11.75
C CYS A 292 -5.62 -7.25 -11.80
N GLY A 293 -6.47 -7.44 -10.80
CA GLY A 293 -7.34 -8.62 -10.71
C GLY A 293 -6.63 -9.87 -10.21
N PHE A 294 -5.52 -9.67 -9.50
CA PHE A 294 -4.71 -10.78 -9.01
C PHE A 294 -5.32 -11.45 -7.78
N ARG A 295 -4.83 -12.66 -7.49
CA ARG A 295 -5.17 -13.36 -6.25
C ARG A 295 -4.17 -12.95 -5.17
N ILE A 296 -4.68 -12.36 -4.09
CA ILE A 296 -3.82 -11.88 -3.00
C ILE A 296 -3.90 -12.81 -1.79
N VAL A 297 -2.90 -13.68 -1.66
CA VAL A 297 -2.82 -14.62 -0.54
C VAL A 297 -2.14 -13.94 0.64
N LEU A 298 -2.73 -14.08 1.82
CA LEU A 298 -2.25 -13.37 3.01
C LEU A 298 -2.08 -14.27 4.24
N MET A 299 -1.34 -13.76 5.21
CA MET A 299 -1.14 -14.41 6.51
C MET A 299 -1.16 -13.34 7.60
N TYR A 300 -1.97 -13.55 8.62
CA TYR A 300 -2.02 -12.62 9.75
C TYR A 300 -0.80 -12.79 10.64
N ARG A 301 -0.18 -13.97 10.59
CA ARG A 301 1.06 -14.26 11.29
C ARG A 301 2.02 -15.01 10.38
N PHE A 302 3.31 -14.71 10.49
CA PHE A 302 4.34 -15.40 9.71
C PHE A 302 4.72 -16.75 10.30
N GLU A 303 4.81 -17.75 9.43
CA GLU A 303 5.30 -19.09 9.76
C GLU A 303 6.10 -19.59 8.57
N GLU A 304 7.25 -20.21 8.84
CA GLU A 304 8.16 -20.64 7.76
C GLU A 304 7.54 -21.66 6.81
N GLU A 305 6.97 -22.72 7.37
CA GLU A 305 6.39 -23.81 6.58
C GLU A 305 5.14 -23.38 5.83
N LEU A 306 4.24 -22.68 6.52
CA LEU A 306 3.01 -22.20 5.91
C LEU A 306 3.30 -21.26 4.73
N PHE A 307 4.29 -20.38 4.92
CA PHE A 307 4.73 -19.47 3.86
C PHE A 307 5.20 -20.24 2.63
N LEU A 308 6.10 -21.19 2.84
CA LEU A 308 6.68 -21.97 1.74
C LEU A 308 5.67 -22.92 1.09
N ARG A 309 4.77 -23.47 1.89
CA ARG A 309 3.71 -24.34 1.36
C ARG A 309 2.68 -23.54 0.56
N SER A 310 2.38 -22.32 1.04
CA SER A 310 1.49 -21.42 0.31
C SER A 310 2.07 -21.01 -1.04
N LEU A 311 3.37 -20.71 -1.07
CA LEU A 311 4.08 -20.40 -2.31
C LEU A 311 3.96 -21.53 -3.33
N GLN A 312 4.07 -22.77 -2.86
CA GLN A 312 4.01 -23.96 -3.69
C GLN A 312 2.58 -24.27 -4.15
N ASP A 313 1.66 -24.38 -3.20
CA ASP A 313 0.31 -24.87 -3.48
C ASP A 313 -0.58 -23.86 -4.21
N TYR A 314 -0.37 -22.57 -3.94
CA TYR A 314 -1.15 -21.53 -4.62
C TYR A 314 -0.46 -21.04 -5.90
N LYS A 315 0.66 -21.67 -6.24
CA LYS A 315 1.45 -21.34 -7.43
C LYS A 315 1.75 -19.84 -7.51
N ILE A 316 2.31 -19.31 -6.43
CA ILE A 316 2.60 -17.88 -6.30
C ILE A 316 3.67 -17.43 -7.29
N GLN A 317 3.41 -16.30 -7.95
CA GLN A 317 4.33 -15.74 -8.92
CA GLN A 317 4.32 -15.73 -8.93
C GLN A 317 5.14 -14.58 -8.33
N SER A 318 4.58 -13.94 -7.31
CA SER A 318 5.27 -12.84 -6.63
C SER A 318 5.14 -12.93 -5.12
N ALA A 319 6.28 -12.99 -4.43
CA ALA A 319 6.30 -13.01 -2.98
C ALA A 319 6.80 -11.67 -2.44
N LEU A 320 6.07 -11.12 -1.48
CA LEU A 320 6.41 -9.83 -0.89
C LEU A 320 6.80 -9.97 0.57
N LEU A 321 8.02 -9.56 0.90
CA LEU A 321 8.55 -9.65 2.26
C LEU A 321 8.82 -8.27 2.87
N VAL A 322 8.80 -8.22 4.20
CA VAL A 322 9.33 -7.07 4.94
C VAL A 322 10.86 -7.23 5.06
N PRO A 323 11.60 -6.12 5.22
CA PRO A 323 13.07 -6.16 5.20
C PRO A 323 13.72 -7.23 6.10
N THR A 324 13.18 -7.41 7.31
CA THR A 324 13.77 -8.35 8.27
C THR A 324 13.46 -9.82 7.95
N LEU A 325 12.41 -10.06 7.15
CA LEU A 325 12.11 -11.41 6.68
C LEU A 325 13.01 -11.86 5.54
N PHE A 326 13.61 -10.91 4.84
CA PHE A 326 14.66 -11.19 3.87
C PHE A 326 15.85 -11.85 4.56
N SER A 327 16.24 -11.28 5.71
CA SER A 327 17.33 -11.83 6.52
C SER A 327 17.00 -13.24 7.02
N PHE A 328 15.72 -13.47 7.34
CA PHE A 328 15.26 -14.79 7.76
C PHE A 328 15.44 -15.85 6.66
N PHE A 329 15.06 -15.51 5.43
CA PHE A 329 15.13 -16.46 4.32
C PHE A 329 16.54 -16.67 3.77
N ALA A 330 17.47 -15.79 4.14
CA ALA A 330 18.88 -16.00 3.88
C ALA A 330 19.41 -17.12 4.79
N LYS A 331 18.71 -17.35 5.90
CA LYS A 331 19.05 -18.40 6.86
C LYS A 331 18.29 -19.69 6.58
N SER A 332 17.07 -19.56 6.05
CA SER A 332 16.19 -20.70 5.76
C SER A 332 16.83 -21.70 4.80
N THR A 333 16.65 -22.99 5.10
CA THR A 333 17.17 -24.06 4.26
C THR A 333 16.05 -24.95 3.70
N LEU A 334 14.85 -24.83 4.29
CA LEU A 334 13.68 -25.60 3.86
C LEU A 334 13.24 -25.29 2.43
N VAL A 335 13.60 -24.11 1.95
CA VAL A 335 13.23 -23.63 0.61
C VAL A 335 13.37 -24.72 -0.48
N ASP A 336 14.46 -25.47 -0.44
CA ASP A 336 14.76 -26.47 -1.46
CA ASP A 336 14.78 -26.49 -1.45
C ASP A 336 13.76 -27.62 -1.51
N LYS A 337 13.06 -27.85 -0.39
CA LYS A 337 12.08 -28.93 -0.29
C LYS A 337 10.75 -28.66 -1.01
N TYR A 338 10.54 -27.40 -1.42
CA TYR A 338 9.27 -26.99 -2.02
C TYR A 338 9.40 -26.69 -3.51
N ASP A 339 8.34 -26.99 -4.26
CA ASP A 339 8.29 -26.73 -5.70
C ASP A 339 7.91 -25.27 -5.94
N LEU A 340 8.92 -24.45 -6.21
CA LEU A 340 8.72 -23.01 -6.41
C LEU A 340 9.03 -22.59 -7.85
N SER A 341 8.64 -23.44 -8.80
CA SER A 341 8.89 -23.20 -10.22
C SER A 341 7.99 -22.12 -10.83
N ASN A 342 6.88 -21.82 -10.15
CA ASN A 342 5.96 -20.77 -10.58
C ASN A 342 6.39 -19.37 -10.13
N LEU A 343 7.26 -19.33 -9.14
CA LEU A 343 7.74 -18.08 -8.56
C LEU A 343 8.61 -17.29 -9.54
N HIS A 344 8.20 -16.07 -9.84
CA HIS A 344 8.91 -15.22 -10.78
C HIS A 344 9.77 -14.18 -10.08
N GLU A 345 9.23 -13.57 -9.02
CA GLU A 345 9.93 -12.48 -8.34
C GLU A 345 9.69 -12.41 -6.84
N ILE A 346 10.63 -11.75 -6.16
CA ILE A 346 10.49 -11.38 -4.76
C ILE A 346 10.73 -9.87 -4.66
N ALA A 347 9.80 -9.17 -4.01
CA ALA A 347 9.88 -7.72 -3.86
C ALA A 347 9.58 -7.30 -2.42
N SER A 348 9.87 -6.03 -2.13
CA SER A 348 9.59 -5.47 -0.81
C SER A 348 8.52 -4.38 -0.88
N GLY A 349 8.41 -3.76 -2.04
CA GLY A 349 7.48 -2.65 -2.25
C GLY A 349 8.16 -1.30 -2.18
N GLY A 350 9.50 -1.32 -2.12
CA GLY A 350 10.30 -0.10 -2.06
C GLY A 350 11.13 0.02 -0.78
N ALA A 351 11.10 -1.02 0.03
CA ALA A 351 11.80 -1.03 1.31
C ALA A 351 13.31 -1.23 1.14
N PRO A 352 14.13 -0.61 2.02
CA PRO A 352 15.59 -0.71 1.95
C PRO A 352 16.10 -2.14 2.13
N LEU A 353 16.98 -2.56 1.23
CA LEU A 353 17.52 -3.92 1.25
C LEU A 353 19.00 -3.94 0.86
N ALA A 354 19.83 -4.52 1.73
CA ALA A 354 21.27 -4.60 1.50
C ALA A 354 21.62 -5.58 0.38
N LYS A 355 22.64 -5.23 -0.40
CA LYS A 355 23.06 -6.00 -1.57
C LYS A 355 23.31 -7.48 -1.29
N GLU A 356 24.06 -7.77 -0.22
CA GLU A 356 24.45 -9.13 0.14
CA GLU A 356 24.45 -9.13 0.14
C GLU A 356 23.27 -9.99 0.56
N VAL A 357 22.33 -9.40 1.29
CA VAL A 357 21.13 -10.11 1.77
C VAL A 357 20.21 -10.43 0.59
N GLY A 358 20.09 -9.49 -0.34
CA GLY A 358 19.29 -9.66 -1.55
C GLY A 358 19.76 -10.81 -2.43
N GLU A 359 21.07 -10.93 -2.59
CA GLU A 359 21.67 -11.99 -3.43
CA GLU A 359 21.65 -11.99 -3.44
C GLU A 359 21.51 -13.37 -2.78
N ALA A 360 21.61 -13.41 -1.45
CA ALA A 360 21.47 -14.66 -0.70
C ALA A 360 20.05 -15.23 -0.76
N VAL A 361 19.06 -14.35 -0.72
CA VAL A 361 17.64 -14.73 -0.84
C VAL A 361 17.33 -15.21 -2.26
N ALA A 362 17.85 -14.49 -3.25
CA ALA A 362 17.67 -14.85 -4.65
C ALA A 362 18.25 -16.24 -4.95
N LYS A 363 19.39 -16.54 -4.34
CA LYS A 363 20.06 -17.84 -4.51
C LYS A 363 19.25 -18.98 -3.90
N ARG A 364 18.61 -18.73 -2.76
CA ARG A 364 17.74 -19.72 -2.09
C ARG A 364 16.54 -20.10 -2.97
N PHE A 365 15.84 -19.08 -3.46
CA PHE A 365 14.63 -19.27 -4.25
C PHE A 365 14.93 -19.51 -5.73
N LYS A 366 16.22 -19.69 -6.05
CA LYS A 366 16.70 -19.95 -7.41
C LYS A 366 16.20 -18.89 -8.40
N LEU A 367 16.52 -17.63 -8.09
CA LEU A 367 16.12 -16.49 -8.90
C LEU A 367 17.33 -15.64 -9.30
N PRO A 368 17.24 -14.93 -10.45
CA PRO A 368 18.34 -14.09 -10.93
C PRO A 368 18.66 -12.94 -9.96
N GLY A 369 17.64 -12.43 -9.28
CA GLY A 369 17.81 -11.34 -8.33
C GLY A 369 16.49 -10.95 -7.67
N ILE A 370 16.53 -9.85 -6.92
CA ILE A 370 15.35 -9.34 -6.23
C ILE A 370 14.76 -8.18 -7.04
N ARG A 371 13.43 -8.12 -7.09
CA ARG A 371 12.73 -6.97 -7.65
C ARG A 371 12.82 -5.82 -6.65
N GLN A 372 13.92 -5.08 -6.71
CA GLN A 372 14.20 -4.03 -5.75
C GLN A 372 13.40 -2.75 -6.02
N GLY A 373 13.36 -1.88 -5.01
CA GLY A 373 12.68 -0.62 -5.12
C GLY A 373 13.10 0.36 -4.04
N TYR A 374 13.00 1.64 -4.33
CA TYR A 374 13.20 2.68 -3.33
C TYR A 374 11.99 3.59 -3.26
N GLY A 375 11.54 3.84 -2.04
CA GLY A 375 10.41 4.72 -1.81
C GLY A 375 10.22 5.01 -0.33
N LEU A 376 9.40 6.02 -0.05
CA LEU A 376 9.07 6.39 1.31
C LEU A 376 7.56 6.48 1.44
N THR A 377 7.07 6.50 2.68
CA THR A 377 5.65 6.73 2.96
C THR A 377 5.23 8.09 2.40
N GLU A 378 6.15 9.04 2.47
CA GLU A 378 5.94 10.41 1.98
C GLU A 378 5.90 10.50 0.46
N THR A 379 6.30 9.42 -0.21
CA THR A 379 6.28 9.33 -1.67
C THR A 379 5.20 8.37 -2.15
N THR A 380 4.26 8.04 -1.26
CA THR A 380 3.19 7.05 -1.51
C THR A 380 3.76 5.63 -1.59
N SER A 381 4.53 5.36 -2.65
CA SER A 381 5.15 4.05 -2.87
C SER A 381 6.54 4.23 -3.45
N ALA A 382 7.06 3.17 -4.06
CA ALA A 382 8.38 3.18 -4.67
C ALA A 382 8.45 4.11 -5.88
N ILE A 383 9.37 5.07 -5.84
CA ILE A 383 9.58 5.99 -6.96
C ILE A 383 10.82 5.63 -7.76
N ILE A 384 11.58 4.66 -7.25
CA ILE A 384 12.67 4.04 -7.98
C ILE A 384 12.43 2.54 -7.91
N ILE A 385 12.21 1.92 -9.08
CA ILE A 385 11.85 0.50 -9.17
C ILE A 385 12.73 -0.20 -10.18
N THR A 386 13.12 -1.44 -9.85
CA THR A 386 13.79 -2.32 -10.79
C THR A 386 12.85 -2.64 -11.96
N PRO A 387 13.26 -2.29 -13.18
CA PRO A 387 12.45 -2.61 -14.35
C PRO A 387 12.44 -4.11 -14.61
N GLU A 388 11.32 -4.61 -15.12
CA GLU A 388 11.14 -6.03 -15.38
C GLU A 388 12.28 -6.60 -16.22
N GLY A 389 13.03 -7.54 -15.64
CA GLY A 389 14.14 -8.20 -16.32
C GLY A 389 15.44 -7.41 -16.30
N ASP A 390 15.33 -6.09 -16.09
CA ASP A 390 16.48 -5.18 -16.09
C ASP A 390 17.09 -5.10 -14.68
N ASP A 391 17.36 -6.27 -14.10
CA ASP A 391 17.93 -6.35 -12.76
CA ASP A 391 17.94 -6.35 -12.76
C ASP A 391 19.45 -6.17 -12.81
N LYS A 392 19.97 -5.36 -11.89
CA LYS A 392 21.39 -5.08 -11.81
C LYS A 392 21.86 -5.22 -10.36
N PRO A 393 22.95 -6.00 -10.14
CA PRO A 393 23.49 -6.22 -8.80
C PRO A 393 23.79 -4.91 -8.06
N GLY A 394 23.15 -4.72 -6.91
CA GLY A 394 23.37 -3.54 -6.08
C GLY A 394 22.34 -2.43 -6.27
N ALA A 395 21.84 -2.30 -7.49
CA ALA A 395 20.90 -1.23 -7.85
C ALA A 395 19.51 -1.44 -7.28
N CYS A 396 18.87 -0.34 -6.89
CA CYS A 396 17.48 -0.38 -6.44
C CYS A 396 16.52 0.03 -7.56
N GLY A 397 17.06 0.12 -8.78
CA GLY A 397 16.25 0.32 -9.98
C GLY A 397 16.43 1.62 -10.73
N LYS A 398 15.44 1.93 -11.56
CA LYS A 398 15.40 3.16 -12.35
C LYS A 398 14.22 4.04 -11.92
N VAL A 399 14.28 5.32 -12.28
CA VAL A 399 13.23 6.28 -11.95
C VAL A 399 11.91 5.91 -12.65
N VAL A 400 10.83 5.93 -11.87
CA VAL A 400 9.50 5.59 -12.38
C VAL A 400 8.93 6.73 -13.24
N PRO A 401 8.01 6.39 -14.17
CA PRO A 401 7.31 7.40 -14.97
C PRO A 401 6.72 8.54 -14.13
N PHE A 402 6.66 9.74 -14.73
CA PHE A 402 6.14 10.95 -14.10
C PHE A 402 7.08 11.55 -13.06
N PHE A 403 8.17 10.84 -12.76
CA PHE A 403 9.10 11.26 -11.71
C PHE A 403 10.45 11.76 -12.22
N SER A 404 11.12 12.51 -11.36
CA SER A 404 12.48 12.97 -11.61
C SER A 404 13.31 12.74 -10.35
N ALA A 405 14.57 12.37 -10.54
CA ALA A 405 15.48 12.18 -9.42
C ALA A 405 16.84 12.82 -9.69
N LYS A 406 17.43 13.39 -8.64
CA LYS A 406 18.74 14.00 -8.73
C LYS A 406 19.58 13.71 -7.49
N ILE A 407 20.90 13.79 -7.67
CA ILE A 407 21.85 13.66 -6.59
C ILE A 407 22.41 15.05 -6.28
N VAL A 408 22.42 15.42 -5.00
CA VAL A 408 22.89 16.75 -4.60
C VAL A 408 24.02 16.71 -3.56
N ASP A 409 24.78 17.81 -3.51
CA ASP A 409 25.79 18.02 -2.48
C ASP A 409 25.10 18.25 -1.13
N LEU A 410 25.63 17.63 -0.07
N LEU A 410 25.62 17.63 -0.08
CA LEU A 410 25.01 17.63 1.25
CA LEU A 410 24.98 17.63 1.24
C LEU A 410 25.07 18.98 1.98
C LEU A 410 25.04 18.99 1.97
N ASP A 411 25.98 19.84 1.58
CA ASP A 411 26.13 21.17 2.20
CA ASP A 411 26.14 21.16 2.20
C ASP A 411 25.99 22.32 1.20
N THR A 412 25.44 22.01 0.03
CA THR A 412 25.25 23.01 -1.02
C THR A 412 23.86 22.90 -1.68
N GLY A 413 23.49 21.67 -2.06
CA GLY A 413 22.27 21.44 -2.81
C GLY A 413 22.53 21.43 -4.31
N LYS A 414 23.81 21.51 -4.67
CA LYS A 414 24.25 21.50 -6.08
CA LYS A 414 24.22 21.51 -6.08
C LYS A 414 24.04 20.12 -6.71
N THR A 415 23.44 20.12 -7.90
CA THR A 415 23.20 18.88 -8.64
C THR A 415 24.51 18.24 -9.07
N LEU A 416 24.67 16.97 -8.73
CA LEU A 416 25.88 16.22 -9.07
C LEU A 416 25.67 15.37 -10.32
N GLY A 417 26.75 14.78 -10.83
CA GLY A 417 26.70 14.02 -12.07
C GLY A 417 26.66 12.52 -11.91
N VAL A 418 26.92 11.82 -13.02
CA VAL A 418 26.95 10.35 -13.06
C VAL A 418 28.04 9.80 -12.13
N ASN A 419 27.73 8.69 -11.47
CA ASN A 419 28.65 7.97 -10.57
C ASN A 419 29.07 8.73 -9.31
N GLN A 420 28.53 9.93 -9.12
CA GLN A 420 28.89 10.77 -7.98
C GLN A 420 27.90 10.65 -6.83
N ARG A 421 28.43 10.38 -5.64
CA ARG A 421 27.61 10.15 -4.44
C ARG A 421 27.15 11.45 -3.79
N GLY A 422 25.92 11.42 -3.27
CA GLY A 422 25.32 12.57 -2.57
C GLY A 422 23.89 12.29 -2.16
N GLU A 423 23.21 13.32 -1.65
CA GLU A 423 21.83 13.17 -1.17
C GLU A 423 20.84 12.98 -2.32
N LEU A 424 19.94 12.00 -2.15
CA LEU A 424 18.93 11.70 -3.17
C LEU A 424 17.70 12.57 -3.01
N CYS A 425 17.32 13.23 -4.10
CA CYS A 425 16.16 14.10 -4.13
C CYS A 425 15.21 13.69 -5.26
N VAL A 426 13.92 13.69 -4.96
CA VAL A 426 12.91 13.25 -5.93
C VAL A 426 11.77 14.25 -6.11
N LYS A 427 11.26 14.33 -7.33
CA LYS A 427 10.13 15.19 -7.66
C LYS A 427 9.13 14.44 -8.54
N GLY A 428 7.87 14.42 -8.12
CA GLY A 428 6.81 13.76 -8.88
C GLY A 428 5.45 13.83 -8.22
N PRO A 429 4.41 13.38 -8.94
CA PRO A 429 3.02 13.51 -8.47
C PRO A 429 2.58 12.46 -7.44
N MET A 430 3.51 11.70 -6.90
CA MET A 430 3.24 10.78 -5.79
C MET A 430 3.70 11.33 -4.45
N ILE A 431 4.44 12.43 -4.49
CA ILE A 431 4.85 13.13 -3.27
C ILE A 431 3.60 13.58 -2.51
N MET A 432 3.58 13.31 -1.21
CA MET A 432 2.46 13.64 -0.33
C MET A 432 2.04 15.11 -0.41
N LYS A 433 0.81 15.38 -0.01
CA LYS A 433 0.31 16.75 0.12
C LYS A 433 1.06 17.47 1.24
N GLY A 434 1.42 16.70 2.27
CA GLY A 434 2.17 17.19 3.42
C GLY A 434 1.88 16.38 4.67
N TYR A 435 2.58 16.68 5.75
CA TYR A 435 2.27 16.09 7.04
C TYR A 435 1.01 16.74 7.60
N VAL A 436 0.17 15.93 8.24
CA VAL A 436 -1.09 16.41 8.81
C VAL A 436 -0.83 17.41 9.93
N ASN A 437 -1.38 18.62 9.76
CA ASN A 437 -1.24 19.73 10.71
CA ASN A 437 -1.25 19.70 10.74
C ASN A 437 0.21 19.96 11.17
N ASN A 438 1.12 19.96 10.19
CA ASN A 438 2.54 20.16 10.45
C ASN A 438 3.28 20.66 9.19
N PRO A 439 3.06 21.94 8.81
CA PRO A 439 3.68 22.49 7.60
C PRO A 439 5.18 22.74 7.74
N GLU A 440 5.65 22.86 8.98
CA GLU A 440 7.07 23.13 9.27
CA GLU A 440 7.07 23.11 9.29
C GLU A 440 7.93 21.89 9.00
N ALA A 441 7.39 20.71 9.32
CA ALA A 441 8.09 19.45 9.04
C ALA A 441 8.02 19.13 7.55
N THR A 442 6.95 19.59 6.90
CA THR A 442 6.76 19.44 5.45
C THR A 442 7.79 20.25 4.67
N SER A 443 7.97 21.51 5.07
CA SER A 443 8.92 22.43 4.43
C SER A 443 10.38 22.00 4.62
N ALA A 444 10.66 21.37 5.76
CA ALA A 444 12.00 20.84 6.05
C ALA A 444 12.34 19.67 5.12
N LEU A 445 11.32 18.95 4.67
CA LEU A 445 11.50 17.79 3.80
C LEU A 445 11.37 18.13 2.31
N ILE A 446 10.36 18.93 1.98
CA ILE A 446 10.06 19.28 0.60
C ILE A 446 10.28 20.77 0.35
N ASP A 447 11.13 21.09 -0.63
CA ASP A 447 11.42 22.49 -0.95
C ASP A 447 10.40 23.12 -1.90
N LYS A 448 10.59 24.40 -2.21
CA LYS A 448 9.63 25.18 -2.98
C LYS A 448 9.56 24.80 -4.47
N ASP A 449 10.53 24.01 -4.92
CA ASP A 449 10.54 23.52 -6.30
C ASP A 449 9.88 22.16 -6.41
N GLY A 450 9.47 21.59 -5.28
CA GLY A 450 8.80 20.29 -5.24
C GLY A 450 9.73 19.10 -5.03
N TRP A 451 11.00 19.38 -4.76
CA TRP A 451 11.97 18.32 -4.49
C TRP A 451 11.89 17.85 -3.04
N LEU A 452 11.80 16.54 -2.87
CA LEU A 452 11.82 15.91 -1.55
C LEU A 452 13.24 15.45 -1.23
N HIS A 453 13.73 15.82 -0.05
CA HIS A 453 15.08 15.44 0.36
C HIS A 453 15.04 14.23 1.29
N SER A 454 15.34 13.06 0.72
CA SER A 454 15.20 11.79 1.42
C SER A 454 16.20 11.59 2.57
N GLY A 455 17.39 12.18 2.43
CA GLY A 455 18.43 12.05 3.44
C GLY A 455 19.39 10.90 3.18
N ASP A 456 18.95 9.94 2.37
CA ASP A 456 19.77 8.80 1.98
C ASP A 456 20.81 9.19 0.95
N ILE A 457 22.00 8.59 1.05
CA ILE A 457 23.08 8.83 0.10
C ILE A 457 22.94 7.86 -1.06
N ALA A 458 23.05 8.39 -2.28
CA ALA A 458 22.87 7.58 -3.49
C ALA A 458 23.73 8.07 -4.65
N TYR A 459 23.76 7.28 -5.72
CA TYR A 459 24.33 7.69 -6.99
C TYR A 459 23.65 6.94 -8.14
N TYR A 460 23.78 7.47 -9.36
CA TYR A 460 23.27 6.79 -10.54
C TYR A 460 24.39 6.56 -11.56
N ASP A 461 24.35 5.42 -12.25
CA ASP A 461 25.34 5.10 -13.28
C ASP A 461 24.88 5.59 -14.65
N LYS A 462 25.70 5.32 -15.67
CA LYS A 462 25.43 5.82 -17.03
C LYS A 462 24.21 5.22 -17.70
N ASP A 463 23.72 4.10 -17.16
CA ASP A 463 22.54 3.42 -17.71
C ASP A 463 21.24 3.92 -17.08
N GLY A 464 21.36 4.69 -15.99
CA GLY A 464 20.19 5.24 -15.31
C GLY A 464 19.79 4.50 -14.05
N HIS A 465 20.59 3.51 -13.67
CA HIS A 465 20.33 2.72 -12.46
C HIS A 465 20.82 3.44 -11.20
N PHE A 466 19.96 3.51 -10.20
CA PHE A 466 20.29 4.15 -8.93
C PHE A 466 20.79 3.14 -7.88
N PHE A 467 21.72 3.58 -7.05
CA PHE A 467 22.32 2.74 -6.01
C PHE A 467 22.27 3.46 -4.68
N ILE A 468 21.72 2.82 -3.66
CA ILE A 468 21.75 3.35 -2.29
C ILE A 468 23.04 2.92 -1.61
N VAL A 469 23.76 3.88 -1.03
CA VAL A 469 25.06 3.62 -0.43
C VAL A 469 24.94 3.06 1.00
#